data_4XDG
#
_entry.id   4XDG
#
_cell.length_a   56.480
_cell.length_b   83.630
_cell.length_c   106.370
_cell.angle_alpha   90.00
_cell.angle_beta   90.00
_cell.angle_gamma   90.00
#
_symmetry.space_group_name_H-M   'P 21 21 21'
#
loop_
_entity.id
_entity.type
_entity.pdbx_description
1 polymer 'Ribosyldihydronicotinamide dehydrogenase [quinone]'
2 non-polymer 'ZINC ION'
3 non-polymer 'FLAVIN-ADENINE DINUCLEOTIDE'
4 non-polymer (2S)-2-(4-aminophenyl)-1-hydroxy-5-methoxy-1,2-dihydro-3H-indol-3-one
5 non-polymer 'SULFATE ION'
6 water water
#
_entity_poly.entity_id   1
_entity_poly.type   'polypeptide(L)'
_entity_poly.pdbx_seq_one_letter_code
;MAGKKVLIVYAHQEPKSFNGSLKNVAVDELSRQGCTVTVSDLYAMNFEPRATDKDITGTLSNPEVFNYGVETHEAYKQRS
LASDITDEQKKVREADLVIFQFPLYWFSVPAILKGWMDRVLCQGFAFDIPGFYDSGLLQGKLALLSVTTGGTAEMYTKTG
VNGDSRYFLWPLQHGTLHFCGFKVLAPQISFAPEIASEEERKGMVAAWSQRLQTIWKEEPIPCTAHWHFGQ
;
_entity_poly.pdbx_strand_id   A,B
#
# COMPACT_ATOMS: atom_id res chain seq x y z
N GLY A 3 1.67 24.00 24.02
CA GLY A 3 2.02 23.98 22.61
C GLY A 3 1.66 22.66 21.93
N LYS A 4 1.55 22.68 20.59
CA LYS A 4 1.19 21.49 19.80
C LYS A 4 2.02 21.44 18.52
N LYS A 5 2.55 20.26 18.20
CA LYS A 5 3.39 20.10 17.01
C LYS A 5 2.73 19.15 16.02
N VAL A 6 2.69 19.55 14.75
CA VAL A 6 2.04 18.76 13.70
C VAL A 6 3.00 18.52 12.56
N LEU A 7 2.99 17.27 12.06
CA LEU A 7 3.69 16.89 10.85
C LEU A 7 2.61 16.54 9.84
N ILE A 8 2.66 17.14 8.63
CA ILE A 8 1.77 16.76 7.53
C ILE A 8 2.61 16.00 6.52
N VAL A 9 2.29 14.71 6.25
CA VAL A 9 3.00 13.94 5.23
C VAL A 9 2.08 14.03 4.02
N TYR A 10 2.55 14.71 2.99
CA TYR A 10 1.73 15.08 1.84
C TYR A 10 2.20 14.37 0.58
N ALA A 11 1.25 13.74 -0.15
CA ALA A 11 1.60 12.97 -1.34
C ALA A 11 0.74 13.35 -2.56
N HIS A 12 1.09 14.47 -3.18
CA HIS A 12 0.47 14.88 -4.45
C HIS A 12 1.48 15.64 -5.28
N GLN A 13 1.49 15.35 -6.58
CA GLN A 13 2.48 15.92 -7.51
C GLN A 13 2.24 17.37 -7.85
N GLU A 14 1.01 17.84 -7.68
CA GLU A 14 0.61 19.14 -8.19
C GLU A 14 0.20 20.13 -7.09
N PRO A 15 0.97 21.27 -6.93
CA PRO A 15 0.62 22.24 -5.89
C PRO A 15 -0.79 22.83 -6.03
N LYS A 16 -1.29 22.94 -7.28
CA LYS A 16 -2.63 23.50 -7.53
C LYS A 16 -3.76 22.49 -7.38
N SER A 17 -3.42 21.24 -6.96
CA SER A 17 -4.45 20.20 -6.83
C SER A 17 -5.39 20.43 -5.66
N PHE A 18 -6.48 19.64 -5.64
CA PHE A 18 -7.41 19.63 -4.53
C PHE A 18 -6.67 19.16 -3.24
N ASN A 19 -5.78 18.14 -3.38
CA ASN A 19 -4.96 17.70 -2.23
C ASN A 19 -4.07 18.84 -1.77
N GLY A 20 -3.47 19.56 -2.72
CA GLY A 20 -2.62 20.72 -2.41
C GLY A 20 -3.40 21.74 -1.61
N SER A 21 -4.66 22.00 -2.03
CA SER A 21 -5.48 22.98 -1.29
C SER A 21 -5.82 22.48 0.13
N LEU A 22 -6.08 21.17 0.29
CA LEU A 22 -6.38 20.63 1.62
C LEU A 22 -5.13 20.71 2.52
N LYS A 23 -3.94 20.46 1.95
CA LYS A 23 -2.70 20.57 2.74
C LYS A 23 -2.48 22.04 3.12
N ASN A 24 -2.70 22.97 2.16
CA ASN A 24 -2.45 24.40 2.43
C ASN A 24 -3.40 24.94 3.47
N VAL A 25 -4.68 24.51 3.47
CA VAL A 25 -5.60 25.04 4.48
C VAL A 25 -5.29 24.46 5.85
N ALA A 26 -4.72 23.24 5.89
CA ALA A 26 -4.29 22.64 7.16
C ALA A 26 -3.11 23.44 7.72
N VAL A 27 -2.13 23.78 6.85
CA VAL A 27 -1.00 24.59 7.29
C VAL A 27 -1.53 25.94 7.80
N ASP A 28 -2.43 26.58 7.00
CA ASP A 28 -2.96 27.90 7.35
C ASP A 28 -3.66 27.87 8.72
N GLU A 29 -4.56 26.89 8.91
CA GLU A 29 -5.35 26.83 10.14
C GLU A 29 -4.51 26.46 11.35
N LEU A 30 -3.68 25.41 11.23
CA LEU A 30 -2.86 25.02 12.37
C LEU A 30 -1.82 26.10 12.69
N SER A 31 -1.28 26.81 11.65
CA SER A 31 -0.33 27.90 11.89
C SER A 31 -1.05 29.04 12.63
N ARG A 32 -2.30 29.35 12.20
CA ARG A 32 -3.12 30.39 12.84
C ARG A 32 -3.32 30.12 14.33
N GLN A 33 -3.51 28.83 14.68
CA GLN A 33 -3.71 28.43 16.07
C GLN A 33 -2.45 28.57 16.93
N GLY A 34 -1.31 28.72 16.28
CA GLY A 34 -0.01 28.82 16.96
C GLY A 34 0.71 27.49 17.05
N CYS A 35 0.23 26.47 16.33
CA CYS A 35 0.91 25.16 16.34
C CYS A 35 2.24 25.28 15.62
N THR A 36 3.15 24.33 15.90
CA THR A 36 4.41 24.17 15.19
C THR A 36 4.06 23.22 14.04
N VAL A 37 4.32 23.63 12.79
CA VAL A 37 3.88 22.82 11.64
C VAL A 37 5.07 22.51 10.72
N THR A 38 5.19 21.24 10.33
CA THR A 38 6.20 20.80 9.36
C THR A 38 5.47 20.00 8.28
N VAL A 39 5.86 20.17 7.01
CA VAL A 39 5.26 19.41 5.90
C VAL A 39 6.36 18.60 5.24
N SER A 40 6.11 17.29 5.00
CA SER A 40 7.02 16.47 4.18
C SER A 40 6.28 16.30 2.86
N ASP A 41 6.70 17.09 1.85
CA ASP A 41 6.09 17.07 0.52
C ASP A 41 6.87 16.02 -0.25
N LEU A 42 6.39 14.75 -0.18
CA LEU A 42 7.16 13.63 -0.70
C LEU A 42 7.55 13.73 -2.16
N TYR A 43 6.64 14.17 -3.03
CA TYR A 43 7.06 14.26 -4.43
C TYR A 43 8.11 15.33 -4.65
N ALA A 44 7.97 16.48 -3.96
CA ALA A 44 8.95 17.56 -4.14
C ALA A 44 10.32 17.16 -3.59
N MET A 45 10.32 16.31 -2.56
CA MET A 45 11.54 15.78 -1.96
C MET A 45 12.12 14.63 -2.81
N ASN A 46 11.37 14.16 -3.87
CA ASN A 46 11.75 12.95 -4.65
C ASN A 46 12.00 11.80 -3.65
N PHE A 47 11.11 11.69 -2.65
CA PHE A 47 11.27 10.70 -1.60
C PHE A 47 11.43 9.30 -2.15
N GLU A 48 12.47 8.59 -1.68
CA GLU A 48 12.72 7.23 -2.14
C GLU A 48 11.72 6.24 -1.55
N PRO A 49 10.94 5.53 -2.37
CA PRO A 49 9.95 4.58 -1.78
C PRO A 49 10.48 3.17 -1.60
N ARG A 50 11.56 2.81 -2.32
CA ARG A 50 12.02 1.41 -2.31
C ARG A 50 12.77 1.07 -1.02
N ALA A 51 12.47 -0.10 -0.47
CA ALA A 51 13.17 -0.60 0.73
C ALA A 51 14.40 -1.38 0.22
N THR A 52 15.61 -0.74 0.29
CA THR A 52 16.78 -1.38 -0.26
C THR A 52 17.96 -1.29 0.71
N ASP A 53 19.06 -1.99 0.37
CA ASP A 53 20.27 -1.95 1.18
C ASP A 53 20.94 -0.58 1.22
N LYS A 54 20.46 0.37 0.39
CA LYS A 54 20.98 1.75 0.42
C LYS A 54 20.47 2.47 1.68
N ASP A 55 19.49 1.87 2.38
CA ASP A 55 18.93 2.49 3.59
C ASP A 55 19.81 2.33 4.82
N ILE A 56 20.88 1.49 4.70
CA ILE A 56 21.83 1.28 5.78
C ILE A 56 23.18 1.81 5.32
N THR A 57 23.79 2.70 6.12
CA THR A 57 25.11 3.27 5.84
C THR A 57 26.13 2.36 6.52
N GLY A 58 27.34 2.28 5.95
CA GLY A 58 28.39 1.43 6.48
C GLY A 58 28.15 -0.05 6.22
N THR A 59 28.68 -0.91 7.10
CA THR A 59 28.58 -2.37 6.96
C THR A 59 27.28 -2.95 7.56
N LEU A 60 26.80 -4.06 6.96
CA LEU A 60 25.56 -4.78 7.29
C LEU A 60 25.78 -5.84 8.35
N SER A 61 24.71 -6.16 9.10
CA SER A 61 24.72 -7.19 10.14
C SER A 61 25.01 -8.54 9.50
N ASN A 62 24.41 -8.83 8.32
CA ASN A 62 24.62 -10.07 7.57
C ASN A 62 24.73 -9.70 6.09
N PRO A 63 25.95 -9.35 5.58
CA PRO A 63 26.07 -8.96 4.17
C PRO A 63 25.84 -10.08 3.14
N GLU A 64 25.84 -11.35 3.59
CA GLU A 64 25.64 -12.51 2.72
C GLU A 64 24.17 -12.73 2.34
N VAL A 65 23.24 -12.47 3.28
CA VAL A 65 21.81 -12.65 3.08
C VAL A 65 21.13 -11.38 3.59
N PHE A 66 20.60 -10.56 2.66
CA PHE A 66 19.97 -9.30 3.01
C PHE A 66 18.55 -9.44 3.54
N ASN A 67 18.32 -9.06 4.80
CA ASN A 67 16.99 -9.10 5.41
C ASN A 67 16.68 -7.65 5.79
N TYR A 68 15.81 -6.99 5.04
CA TYR A 68 15.52 -5.58 5.26
C TYR A 68 15.14 -5.22 6.69
N GLY A 69 14.20 -5.98 7.26
CA GLY A 69 13.73 -5.72 8.62
C GLY A 69 14.84 -5.85 9.63
N VAL A 70 15.66 -6.91 9.53
CA VAL A 70 16.78 -7.12 10.47
C VAL A 70 17.80 -5.99 10.33
N GLU A 71 18.17 -5.67 9.10
CA GLU A 71 19.19 -4.66 8.84
C GLU A 71 18.77 -3.28 9.29
N THR A 72 17.50 -2.89 9.03
CA THR A 72 17.06 -1.56 9.45
C THR A 72 16.89 -1.48 10.95
N HIS A 73 16.44 -2.57 11.59
CA HIS A 73 16.28 -2.60 13.04
C HIS A 73 17.65 -2.35 13.68
N GLU A 74 18.67 -3.11 13.23
CA GLU A 74 20.03 -2.99 13.73
C GLU A 74 20.62 -1.62 13.42
N ALA A 75 20.39 -1.09 12.18
CA ALA A 75 20.88 0.23 11.79
C ALA A 75 20.25 1.31 12.63
N TYR A 76 18.95 1.17 12.97
CA TYR A 76 18.31 2.18 13.82
C TYR A 76 19.04 2.25 15.18
N LYS A 77 19.23 1.06 15.81
CA LYS A 77 19.89 0.97 17.12
C LYS A 77 21.32 1.47 17.09
N GLN A 78 22.02 1.26 15.95
CA GLN A 78 23.44 1.64 15.79
C GLN A 78 23.61 2.98 15.08
N ARG A 79 22.51 3.76 14.94
CA ARG A 79 22.51 5.08 14.31
C ARG A 79 23.19 5.07 12.92
N SER A 80 22.88 4.05 12.09
CA SER A 80 23.46 3.91 10.75
C SER A 80 22.39 3.88 9.65
N LEU A 81 21.22 4.49 9.89
CA LEU A 81 20.19 4.55 8.82
C LEU A 81 20.49 5.73 7.90
N ALA A 82 20.05 5.62 6.61
CA ALA A 82 20.20 6.73 5.63
C ALA A 82 19.57 8.00 6.20
N SER A 83 20.15 9.16 5.90
CA SER A 83 19.69 10.42 6.48
C SER A 83 18.27 10.80 6.06
N ASP A 84 17.80 10.37 4.87
CA ASP A 84 16.42 10.71 4.49
C ASP A 84 15.43 10.05 5.45
N ILE A 85 15.73 8.83 5.93
CA ILE A 85 14.86 8.14 6.89
C ILE A 85 14.95 8.82 8.25
N THR A 86 16.17 9.04 8.76
CA THR A 86 16.28 9.64 10.10
C THR A 86 15.71 11.06 10.13
N ASP A 87 15.81 11.81 9.01
CA ASP A 87 15.17 13.14 8.98
C ASP A 87 13.66 12.99 9.18
N GLU A 88 13.01 11.96 8.57
CA GLU A 88 11.57 11.82 8.79
C GLU A 88 11.26 11.37 10.21
N GLN A 89 12.11 10.45 10.74
CA GLN A 89 11.89 9.95 12.10
C GLN A 89 11.96 11.09 13.11
N LYS A 90 12.86 12.07 12.91
CA LYS A 90 12.94 13.21 13.83
C LYS A 90 11.63 14.00 13.76
N LYS A 91 11.09 14.21 12.55
CA LYS A 91 9.82 14.95 12.43
C LYS A 91 8.67 14.22 13.14
N VAL A 92 8.61 12.87 13.01
CA VAL A 92 7.56 12.08 13.65
C VAL A 92 7.75 12.12 15.18
N ARG A 93 8.99 11.92 15.63
CA ARG A 93 9.31 11.92 17.09
C ARG A 93 8.83 13.24 17.72
N GLU A 94 9.04 14.37 17.04
CA GLU A 94 8.64 15.67 17.60
C GLU A 94 7.13 15.97 17.51
N ALA A 95 6.44 15.32 16.57
CA ALA A 95 5.04 15.62 16.34
C ALA A 95 4.11 15.06 17.42
N ASP A 96 3.05 15.83 17.72
CA ASP A 96 1.95 15.36 18.57
C ASP A 96 0.87 14.77 17.66
N LEU A 97 0.78 15.26 16.40
CA LEU A 97 -0.22 14.79 15.44
C LEU A 97 0.45 14.65 14.10
N VAL A 98 0.16 13.54 13.39
CA VAL A 98 0.66 13.30 12.04
C VAL A 98 -0.56 13.20 11.16
N ILE A 99 -0.70 14.13 10.22
CA ILE A 99 -1.77 14.11 9.23
C ILE A 99 -1.15 13.58 7.96
N PHE A 100 -1.84 12.64 7.29
CA PHE A 100 -1.42 12.13 5.97
C PHE A 100 -2.42 12.68 4.98
N GLN A 101 -1.96 13.44 3.99
CA GLN A 101 -2.85 14.03 3.00
C GLN A 101 -2.53 13.39 1.66
N PHE A 102 -3.50 12.67 1.07
CA PHE A 102 -3.23 11.97 -0.16
C PHE A 102 -4.48 11.62 -0.92
N PRO A 103 -4.32 11.46 -2.25
CA PRO A 103 -5.39 10.86 -3.06
C PRO A 103 -5.36 9.33 -2.90
N LEU A 104 -6.55 8.71 -2.84
CA LEU A 104 -6.62 7.25 -2.76
C LEU A 104 -6.11 6.66 -4.09
N TYR A 105 -5.13 5.74 -4.00
CA TYR A 105 -4.62 5.02 -5.17
C TYR A 105 -4.83 3.54 -4.85
N TRP A 106 -5.68 2.89 -5.62
CA TRP A 106 -5.92 1.45 -5.45
C TRP A 106 -6.29 1.10 -4.00
N PHE A 107 -7.29 1.85 -3.47
CA PHE A 107 -7.84 1.61 -2.11
C PHE A 107 -6.75 1.72 -1.07
N SER A 108 -5.69 2.50 -1.37
CA SER A 108 -4.58 2.63 -0.44
C SER A 108 -3.86 3.96 -0.69
N VAL A 109 -2.65 4.08 -0.14
CA VAL A 109 -1.86 5.28 -0.32
C VAL A 109 -1.07 5.16 -1.64
N PRO A 110 -0.77 6.30 -2.28
CA PRO A 110 0.19 6.27 -3.42
C PRO A 110 1.51 5.61 -2.99
N ALA A 111 2.18 4.91 -3.93
CA ALA A 111 3.41 4.22 -3.58
C ALA A 111 4.46 5.08 -2.90
N ILE A 112 4.59 6.38 -3.28
CA ILE A 112 5.61 7.20 -2.62
C ILE A 112 5.34 7.28 -1.11
N LEU A 113 4.06 7.36 -0.72
CA LEU A 113 3.68 7.42 0.70
C LEU A 113 3.74 6.02 1.35
N LYS A 114 3.44 4.95 0.55
CA LYS A 114 3.62 3.61 1.11
C LYS A 114 5.11 3.43 1.44
N GLY A 115 6.02 3.96 0.63
CA GLY A 115 7.47 3.86 0.86
C GLY A 115 7.88 4.63 2.11
N TRP A 116 7.25 5.79 2.34
CA TRP A 116 7.49 6.50 3.60
C TRP A 116 7.10 5.60 4.80
N MET A 117 5.92 4.95 4.72
N MET A 117 5.91 4.96 4.71
CA MET A 117 5.54 4.08 5.84
CA MET A 117 5.47 4.05 5.76
C MET A 117 6.52 2.89 5.97
C MET A 117 6.52 2.93 5.95
N ASP A 118 6.90 2.26 4.85
CA ASP A 118 7.80 1.11 4.89
C ASP A 118 9.15 1.42 5.47
N ARG A 119 9.73 2.57 5.08
CA ARG A 119 11.11 2.89 5.43
C ARG A 119 11.24 3.71 6.71
N VAL A 120 10.25 4.58 7.02
CA VAL A 120 10.39 5.44 8.20
C VAL A 120 9.95 4.71 9.47
N LEU A 121 8.88 3.89 9.40
CA LEU A 121 8.33 3.25 10.59
C LEU A 121 9.03 1.93 10.82
N CYS A 122 10.34 1.99 11.10
CA CYS A 122 11.13 0.77 11.24
C CYS A 122 11.08 0.19 12.63
N GLN A 123 11.49 -1.08 12.70
CA GLN A 123 11.62 -1.78 13.94
C GLN A 123 12.63 -1.01 14.84
N GLY A 124 12.29 -0.80 16.10
CA GLY A 124 13.08 -0.09 17.09
C GLY A 124 12.67 1.37 17.22
N PHE A 125 12.10 1.94 16.14
CA PHE A 125 11.62 3.32 16.14
C PHE A 125 10.13 3.39 16.40
N ALA A 126 9.33 2.68 15.57
CA ALA A 126 7.88 2.77 15.67
C ALA A 126 7.26 1.60 16.44
N PHE A 127 7.96 0.47 16.50
CA PHE A 127 7.50 -0.75 17.17
C PHE A 127 8.69 -1.67 17.46
N ASP A 128 8.52 -2.78 18.17
N ASP A 128 8.43 -2.53 18.47
CA ASP A 128 9.59 -3.78 18.28
CA ASP A 128 9.31 -3.50 19.06
C ASP A 128 8.92 -5.13 18.10
C ASP A 128 8.57 -4.65 19.79
N ILE A 129 9.70 -6.24 17.98
N ILE A 129 9.34 -5.58 20.35
CA ILE A 129 9.17 -7.60 17.84
CA ILE A 129 8.91 -6.65 21.24
C ILE A 129 9.62 -8.48 19.03
C ILE A 129 9.39 -6.12 22.60
N PRO A 130 8.78 -8.66 20.08
N PRO A 130 8.48 -5.51 23.39
CA PRO A 130 7.47 -8.02 20.31
CA PRO A 130 7.04 -5.37 23.15
C PRO A 130 7.66 -6.57 20.80
C PRO A 130 6.79 -3.96 22.63
N GLY A 131 6.58 -5.79 20.80
N GLY A 131 5.53 -3.59 22.55
CA GLY A 131 6.58 -4.37 21.15
CA GLY A 131 5.18 -2.24 22.13
C GLY A 131 5.74 -3.60 20.15
C GLY A 131 4.53 -2.20 20.78
N PHE A 132 4.48 -4.00 20.02
N PHE A 132 3.27 -2.60 20.73
CA PHE A 132 3.54 -3.44 19.05
CA PHE A 132 2.46 -2.57 19.52
C PHE A 132 2.13 -3.25 19.61
C PHE A 132 0.99 -2.42 19.87
N TYR A 133 1.24 -2.62 18.80
N TYR A 133 0.20 -1.91 18.88
CA TYR A 133 -0.12 -2.22 19.14
CA TYR A 133 -1.22 -1.59 19.02
C TYR A 133 -0.09 -1.33 20.40
C TYR A 133 -1.37 -0.53 20.15
N ASP A 134 -0.49 -1.86 21.58
N ASP A 134 -2.10 -0.77 21.27
CA ASP A 134 -0.44 -1.03 22.80
CA ASP A 134 -2.21 0.25 22.32
C ASP A 134 1.00 -0.88 23.33
C ASP A 134 -0.86 0.62 23.00
N SER A 135 1.94 -1.72 22.86
N SER A 135 0.14 -0.28 22.91
CA SER A 135 3.35 -1.61 23.26
CA SER A 135 1.46 -0.05 23.50
C SER A 135 4.21 -1.03 22.11
C SER A 135 2.55 0.29 22.46
N GLY A 136 3.55 -0.47 21.09
N GLY A 136 2.16 0.54 21.22
CA GLY A 136 4.17 0.23 19.97
CA GLY A 136 3.11 0.91 20.17
C GLY A 136 4.94 1.43 20.48
C GLY A 136 4.03 2.03 20.62
N LEU A 137 5.91 1.93 19.73
N LEU A 137 5.31 2.02 20.16
CA LEU A 137 6.73 3.01 20.30
CA LEU A 137 6.35 2.98 20.58
C LEU A 137 6.26 4.47 20.03
C LEU A 137 5.98 4.44 20.32
N LEU A 138 5.11 4.68 19.34
CA LEU A 138 4.60 6.02 19.05
C LEU A 138 3.33 6.33 19.87
N GLN A 139 3.13 5.59 20.99
CA GLN A 139 2.01 5.84 21.91
C GLN A 139 2.05 7.28 22.40
N GLY A 140 0.87 7.88 22.51
CA GLY A 140 0.74 9.27 22.93
C GLY A 140 0.54 10.20 21.75
N LYS A 141 0.85 9.71 20.54
CA LYS A 141 0.72 10.50 19.32
C LYS A 141 -0.62 10.26 18.65
N LEU A 142 -1.08 11.23 17.90
CA LEU A 142 -2.31 11.12 17.14
C LEU A 142 -1.98 11.04 15.66
N ALA A 143 -2.80 10.33 14.91
CA ALA A 143 -2.66 10.25 13.45
C ALA A 143 -4.02 10.44 12.82
N LEU A 144 -4.04 10.97 11.60
CA LEU A 144 -5.28 11.25 10.89
C LEU A 144 -5.03 11.09 9.40
N LEU A 145 -5.91 10.35 8.73
CA LEU A 145 -5.83 10.19 7.29
C LEU A 145 -6.81 11.16 6.63
N SER A 146 -6.30 12.04 5.77
CA SER A 146 -7.16 12.95 5.00
C SER A 146 -7.00 12.49 3.55
N VAL A 147 -8.01 11.79 3.04
CA VAL A 147 -8.03 11.10 1.76
C VAL A 147 -9.00 11.77 0.80
N THR A 148 -8.65 11.80 -0.50
CA THR A 148 -9.56 12.26 -1.58
C THR A 148 -9.77 11.04 -2.49
N THR A 149 -10.94 10.96 -3.15
CA THR A 149 -11.23 9.79 -4.00
C THR A 149 -11.70 10.16 -5.38
N GLY A 150 -11.63 9.21 -6.30
CA GLY A 150 -12.27 9.34 -7.60
C GLY A 150 -13.73 8.94 -7.49
N GLY A 151 -13.98 7.84 -6.75
CA GLY A 151 -15.33 7.30 -6.52
C GLY A 151 -16.20 8.17 -5.65
N THR A 152 -17.52 8.15 -5.88
CA THR A 152 -18.46 8.94 -5.10
C THR A 152 -18.73 8.31 -3.73
N ALA A 153 -19.31 9.08 -2.81
CA ALA A 153 -19.69 8.58 -1.47
C ALA A 153 -20.65 7.38 -1.59
N GLU A 154 -21.60 7.43 -2.55
CA GLU A 154 -22.56 6.34 -2.80
C GLU A 154 -21.85 5.01 -3.17
N MET A 155 -20.71 5.07 -3.90
CA MET A 155 -19.97 3.87 -4.27
C MET A 155 -19.28 3.25 -3.07
N TYR A 156 -18.91 4.11 -2.10
CA TYR A 156 -18.25 3.74 -0.86
C TYR A 156 -19.24 3.50 0.28
N THR A 157 -20.32 2.77 -0.01
CA THR A 157 -21.31 2.38 0.99
C THR A 157 -21.26 0.85 1.07
N LYS A 158 -21.73 0.28 2.19
CA LYS A 158 -21.77 -1.16 2.46
C LYS A 158 -22.32 -1.96 1.27
N THR A 159 -23.36 -1.42 0.62
CA THR A 159 -24.01 -2.07 -0.54
C THR A 159 -23.54 -1.49 -1.89
N GLY A 160 -22.64 -0.50 -1.84
CA GLY A 160 -22.02 0.13 -3.00
C GLY A 160 -20.98 -0.79 -3.60
N VAL A 161 -20.62 -0.56 -4.87
CA VAL A 161 -19.65 -1.43 -5.60
C VAL A 161 -18.27 -1.48 -4.91
N ASN A 162 -17.89 -0.37 -4.22
CA ASN A 162 -16.59 -0.37 -3.59
C ASN A 162 -16.60 -0.82 -2.14
N GLY A 163 -17.80 -1.02 -1.58
CA GLY A 163 -17.88 -1.36 -0.17
C GLY A 163 -17.72 -0.12 0.68
N ASP A 164 -17.95 -0.24 2.00
CA ASP A 164 -17.77 0.89 2.92
C ASP A 164 -16.34 1.45 2.83
N SER A 165 -16.17 2.79 2.92
CA SER A 165 -14.81 3.36 2.92
C SER A 165 -14.02 2.82 4.12
N ARG A 166 -14.71 2.47 5.24
CA ARG A 166 -13.99 1.92 6.40
C ARG A 166 -13.23 0.61 6.07
N TYR A 167 -13.71 -0.15 5.07
CA TYR A 167 -13.07 -1.41 4.73
C TYR A 167 -11.63 -1.19 4.25
N PHE A 168 -11.41 -0.16 3.41
CA PHE A 168 -10.05 0.08 2.91
C PHE A 168 -9.15 0.75 3.95
N LEU A 169 -9.74 1.32 5.01
CA LEU A 169 -8.90 1.98 6.01
C LEU A 169 -8.15 1.03 6.91
N TRP A 170 -8.60 -0.24 7.00
CA TRP A 170 -8.05 -1.22 7.92
C TRP A 170 -6.52 -1.38 7.85
N PRO A 171 -5.89 -1.59 6.67
CA PRO A 171 -4.43 -1.75 6.65
C PRO A 171 -3.67 -0.52 7.14
N LEU A 172 -4.24 0.66 6.87
CA LEU A 172 -3.61 1.94 7.20
C LEU A 172 -3.84 2.31 8.65
N GLN A 173 -5.11 2.38 9.06
CA GLN A 173 -5.43 2.78 10.43
C GLN A 173 -5.01 1.73 11.43
N HIS A 174 -5.36 0.45 11.17
CA HIS A 174 -5.08 -0.61 12.14
C HIS A 174 -3.74 -1.24 11.95
N GLY A 175 -3.48 -1.77 10.75
CA GLY A 175 -2.25 -2.52 10.52
C GLY A 175 -0.99 -1.68 10.61
N THR A 176 -1.11 -0.35 10.37
CA THR A 176 0.05 0.54 10.40
C THR A 176 0.03 1.48 11.57
N LEU A 177 -0.93 2.40 11.59
CA LEU A 177 -0.93 3.45 12.64
C LEU A 177 -1.19 2.92 14.03
N HIS A 178 -2.27 2.16 14.24
CA HIS A 178 -2.54 1.58 15.55
C HIS A 178 -1.39 0.66 15.95
N PHE A 179 -0.88 -0.14 15.00
CA PHE A 179 0.22 -1.05 15.30
C PHE A 179 1.40 -0.32 15.91
N CYS A 180 1.72 0.90 15.40
CA CYS A 180 2.82 1.68 15.94
C CYS A 180 2.46 2.44 17.21
N GLY A 181 1.24 2.30 17.71
CA GLY A 181 0.88 2.98 18.95
C GLY A 181 0.09 4.27 18.81
N PHE A 182 -0.10 4.77 17.59
CA PHE A 182 -0.90 5.96 17.41
C PHE A 182 -2.35 5.73 17.85
N LYS A 183 -2.98 6.80 18.32
CA LYS A 183 -4.40 6.90 18.53
C LYS A 183 -4.84 7.55 17.22
N VAL A 184 -5.89 7.01 16.62
CA VAL A 184 -6.34 7.39 15.29
C VAL A 184 -7.55 8.27 15.33
N LEU A 185 -7.44 9.49 14.80
CA LEU A 185 -8.61 10.36 14.71
C LEU A 185 -9.45 9.94 13.51
N ALA A 186 -10.76 10.26 13.55
CA ALA A 186 -11.66 9.90 12.45
C ALA A 186 -11.13 10.39 11.11
N PRO A 187 -11.18 9.56 10.06
CA PRO A 187 -10.63 10.01 8.77
C PRO A 187 -11.38 11.18 8.17
N GLN A 188 -10.69 11.99 7.39
CA GLN A 188 -11.34 13.05 6.64
C GLN A 188 -11.39 12.52 5.21
N ILE A 189 -12.60 12.28 4.68
CA ILE A 189 -12.72 11.76 3.32
C ILE A 189 -13.44 12.75 2.43
N SER A 190 -12.71 13.26 1.43
CA SER A 190 -13.24 14.24 0.50
C SER A 190 -13.56 13.48 -0.79
N PHE A 191 -14.83 13.10 -0.95
CA PHE A 191 -15.23 12.28 -2.08
C PHE A 191 -15.35 12.99 -3.40
N ALA A 192 -14.79 12.35 -4.46
CA ALA A 192 -14.95 12.75 -5.86
C ALA A 192 -14.85 14.29 -6.15
N PRO A 193 -13.75 14.97 -5.76
CA PRO A 193 -13.66 16.41 -6.07
C PRO A 193 -13.60 16.72 -7.58
N GLU A 194 -13.13 15.77 -8.43
CA GLU A 194 -13.05 16.01 -9.87
C GLU A 194 -14.45 16.17 -10.50
N ILE A 195 -15.47 15.43 -9.98
CA ILE A 195 -16.87 15.46 -10.44
C ILE A 195 -17.58 16.70 -9.86
N ALA A 196 -17.19 17.10 -8.64
CA ALA A 196 -17.79 18.22 -7.89
C ALA A 196 -17.72 19.57 -8.61
N SER A 197 -18.66 20.50 -8.31
CA SER A 197 -18.62 21.84 -8.90
C SER A 197 -17.50 22.68 -8.21
N GLU A 198 -17.20 23.88 -8.75
CA GLU A 198 -16.22 24.83 -8.20
C GLU A 198 -16.61 25.20 -6.76
N GLU A 199 -17.91 25.47 -6.52
CA GLU A 199 -18.46 25.80 -5.19
C GLU A 199 -18.44 24.56 -4.25
N GLU A 200 -18.73 23.36 -4.78
CA GLU A 200 -18.73 22.10 -4.01
C GLU A 200 -17.34 21.80 -3.44
N ARG A 201 -16.29 21.98 -4.26
CA ARG A 201 -14.90 21.76 -3.90
C ARG A 201 -14.49 22.80 -2.85
N LYS A 202 -14.97 24.05 -2.99
CA LYS A 202 -14.68 25.11 -2.00
C LYS A 202 -15.28 24.73 -0.64
N GLY A 203 -16.45 24.11 -0.66
CA GLY A 203 -17.16 23.61 0.51
C GLY A 203 -16.39 22.52 1.25
N MET A 204 -15.80 21.58 0.48
CA MET A 204 -15.02 20.46 1.04
C MET A 204 -13.78 20.98 1.74
N VAL A 205 -13.11 21.96 1.12
CA VAL A 205 -11.91 22.59 1.67
C VAL A 205 -12.26 23.32 2.97
N ALA A 206 -13.39 24.07 2.95
CA ALA A 206 -13.83 24.82 4.12
C ALA A 206 -14.20 23.90 5.28
N ALA A 207 -14.83 22.72 5.00
CA ALA A 207 -15.22 21.72 6.03
C ALA A 207 -13.97 21.17 6.75
N TRP A 208 -12.89 20.94 5.99
CA TRP A 208 -11.63 20.48 6.56
C TRP A 208 -11.01 21.58 7.44
N SER A 209 -10.93 22.84 6.94
CA SER A 209 -10.42 23.97 7.74
C SER A 209 -11.24 24.11 9.04
N GLN A 210 -12.59 24.07 8.93
CA GLN A 210 -13.48 24.16 10.09
C GLN A 210 -13.22 23.03 11.07
N ARG A 211 -13.10 21.76 10.60
CA ARG A 211 -12.81 20.65 11.50
C ARG A 211 -11.49 20.87 12.26
N LEU A 212 -10.47 21.36 11.54
CA LEU A 212 -9.16 21.60 12.16
C LEU A 212 -9.19 22.59 13.30
N GLN A 213 -10.18 23.50 13.30
CA GLN A 213 -10.32 24.46 14.38
C GLN A 213 -10.45 23.77 15.74
N THR A 214 -11.12 22.59 15.77
CA THR A 214 -11.34 21.88 17.03
C THR A 214 -10.68 20.50 17.05
N ILE A 215 -9.64 20.29 16.24
CA ILE A 215 -9.01 18.97 16.17
C ILE A 215 -8.43 18.48 17.51
N TRP A 216 -7.94 19.39 18.35
CA TRP A 216 -7.33 19.04 19.62
C TRP A 216 -8.34 18.60 20.68
N LYS A 217 -9.64 18.74 20.38
CA LYS A 217 -10.70 18.35 21.31
C LYS A 217 -11.31 17.02 20.92
N GLU A 218 -10.85 16.43 19.83
CA GLU A 218 -11.42 15.19 19.36
C GLU A 218 -10.96 14.00 20.13
N GLU A 219 -11.84 13.01 20.23
CA GLU A 219 -11.45 11.74 20.80
C GLU A 219 -11.05 10.86 19.60
N PRO A 220 -10.08 9.97 19.78
CA PRO A 220 -9.78 9.02 18.69
C PRO A 220 -10.89 7.97 18.51
N ILE A 221 -10.88 7.31 17.37
CA ILE A 221 -11.85 6.26 17.11
C ILE A 221 -11.42 5.02 17.89
N PRO A 222 -12.35 4.07 18.14
CA PRO A 222 -11.92 2.76 18.65
C PRO A 222 -11.42 1.98 17.43
N CYS A 223 -10.10 1.87 17.28
CA CYS A 223 -9.51 1.26 16.08
C CYS A 223 -9.54 -0.25 16.16
N THR A 224 -10.77 -0.79 16.00
CA THR A 224 -11.04 -2.20 16.11
C THR A 224 -11.66 -2.76 14.84
N ALA A 225 -11.72 -4.10 14.73
CA ALA A 225 -12.38 -4.74 13.59
C ALA A 225 -13.88 -4.34 13.58
N HIS A 226 -14.50 -4.22 14.76
CA HIS A 226 -15.92 -3.83 14.80
C HIS A 226 -16.14 -2.44 14.20
N TRP A 227 -15.28 -1.47 14.52
CA TRP A 227 -15.41 -0.14 13.94
C TRP A 227 -15.31 -0.20 12.42
N HIS A 228 -14.35 -0.98 11.88
CA HIS A 228 -14.13 -1.03 10.45
C HIS A 228 -15.15 -1.87 9.69
N PHE A 229 -15.58 -3.00 10.29
CA PHE A 229 -16.42 -3.93 9.53
C PHE A 229 -17.81 -4.20 10.06
N GLY A 230 -18.10 -3.78 11.29
CA GLY A 230 -19.41 -4.07 11.88
C GLY A 230 -20.51 -3.08 11.59
N GLN A 231 -21.68 -3.28 12.23
CA GLN A 231 -22.88 -2.44 12.09
C GLN A 231 -22.98 -1.44 13.25
N GLY B 3 -2.04 -23.92 -24.58
CA GLY B 3 -0.93 -23.47 -23.75
C GLY B 3 -1.38 -22.41 -22.75
N LYS B 4 -0.53 -22.13 -21.74
CA LYS B 4 -0.86 -21.11 -20.74
C LYS B 4 0.35 -20.22 -20.51
N LYS B 5 0.08 -18.93 -20.29
CA LYS B 5 1.14 -17.94 -20.07
C LYS B 5 1.00 -17.32 -18.68
N VAL B 6 2.12 -17.25 -17.93
CA VAL B 6 2.09 -16.75 -16.55
C VAL B 6 3.12 -15.64 -16.42
N LEU B 7 2.70 -14.57 -15.74
CA LEU B 7 3.59 -13.49 -15.34
C LEU B 7 3.68 -13.56 -13.83
N ILE B 8 4.90 -13.57 -13.26
CA ILE B 8 5.08 -13.49 -11.81
C ILE B 8 5.66 -12.11 -11.53
N VAL B 9 4.97 -11.28 -10.72
CA VAL B 9 5.50 -9.98 -10.35
C VAL B 9 6.06 -10.20 -8.96
N TYR B 10 7.39 -10.12 -8.83
CA TYR B 10 8.10 -10.54 -7.64
C TYR B 10 8.75 -9.34 -6.95
N ALA B 11 8.53 -9.22 -5.61
CA ALA B 11 9.03 -8.07 -4.87
C ALA B 11 9.78 -8.50 -3.62
N HIS B 12 11.04 -8.92 -3.80
CA HIS B 12 11.92 -9.22 -2.66
C HIS B 12 13.35 -8.90 -3.07
N GLN B 13 14.10 -8.28 -2.16
CA GLN B 13 15.46 -7.82 -2.44
C GLN B 13 16.47 -8.95 -2.48
N GLU B 14 16.16 -10.09 -1.85
CA GLU B 14 17.14 -11.15 -1.64
C GLU B 14 16.82 -12.47 -2.35
N PRO B 15 17.66 -12.89 -3.32
CA PRO B 15 17.38 -14.14 -4.05
C PRO B 15 17.29 -15.38 -3.14
N LYS B 16 18.06 -15.39 -2.02
CA LYS B 16 18.06 -16.53 -1.09
C LYS B 16 16.90 -16.50 -0.09
N SER B 17 15.99 -15.51 -0.21
CA SER B 17 14.88 -15.38 0.73
C SER B 17 13.83 -16.48 0.55
N PHE B 18 12.91 -16.57 1.54
CA PHE B 18 11.78 -17.47 1.48
C PHE B 18 10.89 -17.05 0.28
N ASN B 19 10.73 -15.72 0.05
CA ASN B 19 9.97 -15.26 -1.13
C ASN B 19 10.68 -15.73 -2.41
N GLY B 20 12.02 -15.59 -2.45
CA GLY B 20 12.82 -16.04 -3.59
C GLY B 20 12.57 -17.51 -3.86
N SER B 21 12.54 -18.33 -2.79
CA SER B 21 12.29 -19.76 -2.97
C SER B 21 10.87 -20.04 -3.50
N LEU B 22 9.87 -19.29 -3.01
CA LEU B 22 8.50 -19.49 -3.51
C LEU B 22 8.40 -19.06 -4.98
N LYS B 23 9.10 -17.98 -5.37
CA LYS B 23 9.08 -17.54 -6.79
C LYS B 23 9.78 -18.62 -7.65
N ASN B 24 10.93 -19.15 -7.16
CA ASN B 24 11.69 -20.14 -7.94
C ASN B 24 10.91 -21.43 -8.10
N VAL B 25 10.17 -21.87 -7.04
CA VAL B 25 9.41 -23.12 -7.18
C VAL B 25 8.24 -22.93 -8.16
N ALA B 26 7.68 -21.70 -8.21
CA ALA B 26 6.61 -21.40 -9.16
C ALA B 26 7.16 -21.46 -10.58
N VAL B 27 8.34 -20.84 -10.81
CA VAL B 27 8.94 -20.89 -12.14
C VAL B 27 9.21 -22.35 -12.48
N ASP B 28 9.83 -23.10 -11.57
CA ASP B 28 10.18 -24.50 -11.83
C ASP B 28 8.94 -25.35 -12.17
N GLU B 29 7.88 -25.23 -11.36
CA GLU B 29 6.70 -26.07 -11.57
C GLU B 29 5.92 -25.67 -12.82
N LEU B 30 5.69 -24.35 -13.01
CA LEU B 30 4.96 -23.93 -14.20
C LEU B 30 5.79 -24.21 -15.46
N SER B 31 7.14 -24.08 -15.39
CA SER B 31 7.99 -24.42 -16.56
CA SER B 31 7.95 -24.43 -16.56
C SER B 31 7.88 -25.92 -16.85
N ARG B 32 7.88 -26.76 -15.77
CA ARG B 32 7.78 -28.22 -15.95
C ARG B 32 6.50 -28.59 -16.68
N GLN B 33 5.39 -27.86 -16.38
CA GLN B 33 4.09 -28.11 -17.02
C GLN B 33 4.06 -27.72 -18.49
N GLY B 34 5.03 -26.94 -18.92
CA GLY B 34 5.11 -26.47 -20.29
C GLY B 34 4.53 -25.07 -20.47
N CYS B 35 4.23 -24.37 -19.34
CA CYS B 35 3.72 -22.99 -19.43
C CYS B 35 4.79 -22.06 -19.91
N THR B 36 4.37 -20.91 -20.45
CA THR B 36 5.26 -19.82 -20.81
C THR B 36 5.35 -18.96 -19.54
N VAL B 37 6.57 -18.69 -19.04
CA VAL B 37 6.71 -18.00 -17.76
C VAL B 37 7.62 -16.77 -17.91
N THR B 38 7.17 -15.63 -17.34
CA THR B 38 7.95 -14.39 -17.31
C THR B 38 7.94 -13.93 -15.88
N VAL B 39 9.07 -13.42 -15.38
CA VAL B 39 9.15 -12.83 -14.02
C VAL B 39 9.54 -11.38 -14.16
N SER B 40 8.84 -10.48 -13.44
CA SER B 40 9.25 -9.08 -13.31
C SER B 40 9.82 -8.99 -11.87
N ASP B 41 11.15 -9.02 -11.76
CA ASP B 41 11.85 -8.96 -10.47
C ASP B 41 12.05 -7.46 -10.21
N LEU B 42 11.08 -6.84 -9.51
CA LEU B 42 11.06 -5.39 -9.40
C LEU B 42 12.30 -4.78 -8.79
N TYR B 43 12.84 -5.36 -7.70
CA TYR B 43 14.04 -4.74 -7.13
C TYR B 43 15.23 -4.83 -8.08
N ALA B 44 15.38 -5.99 -8.75
CA ALA B 44 16.52 -6.13 -9.66
C ALA B 44 16.41 -5.21 -10.85
N MET B 45 15.16 -4.92 -11.26
CA MET B 45 14.89 -3.99 -12.36
C MET B 45 15.02 -2.52 -11.90
N ASN B 46 15.15 -2.27 -10.56
CA ASN B 46 15.13 -0.92 -9.97
C ASN B 46 13.82 -0.24 -10.42
N PHE B 47 12.72 -1.00 -10.40
CA PHE B 47 11.44 -0.52 -10.89
C PHE B 47 11.07 0.80 -10.22
N GLU B 48 10.68 1.80 -11.02
CA GLU B 48 10.28 3.11 -10.50
C GLU B 48 8.90 3.04 -9.88
N PRO B 49 8.75 3.36 -8.59
CA PRO B 49 7.41 3.26 -7.98
C PRO B 49 6.63 4.56 -8.03
N ARG B 50 7.30 5.71 -8.23
CA ARG B 50 6.63 6.99 -8.10
C ARG B 50 5.82 7.33 -9.34
N ALA B 51 4.59 7.82 -9.12
CA ALA B 51 3.71 8.25 -10.20
C ALA B 51 4.06 9.73 -10.45
N THR B 52 4.79 10.02 -11.53
CA THR B 52 5.20 11.40 -11.77
C THR B 52 5.01 11.77 -13.24
N ASP B 53 5.19 13.07 -13.54
CA ASP B 53 5.08 13.54 -14.91
C ASP B 53 6.15 12.97 -15.85
N LYS B 54 7.17 12.25 -15.29
CA LYS B 54 8.16 11.58 -16.13
C LYS B 54 7.53 10.36 -16.86
N ASP B 55 6.33 9.94 -16.41
CA ASP B 55 5.65 8.77 -17.01
C ASP B 55 5.00 9.09 -18.34
N ILE B 56 4.95 10.38 -18.72
CA ILE B 56 4.36 10.82 -19.99
C ILE B 56 5.47 11.49 -20.80
N THR B 57 5.62 11.15 -22.08
CA THR B 57 6.63 11.78 -22.96
C THR B 57 6.07 12.94 -23.80
N GLY B 58 4.79 12.92 -24.10
CA GLY B 58 4.25 13.92 -25.02
C GLY B 58 3.72 15.20 -24.40
N THR B 59 3.09 16.01 -25.23
CA THR B 59 2.45 17.27 -24.83
C THR B 59 1.36 16.88 -23.84
N LEU B 60 1.38 17.51 -22.68
CA LEU B 60 0.38 17.18 -21.69
C LEU B 60 -0.97 17.77 -22.09
N SER B 61 -2.04 17.10 -21.70
CA SER B 61 -3.42 17.51 -21.95
C SER B 61 -3.68 18.84 -21.23
N ASN B 62 -3.18 18.98 -19.99
CA ASN B 62 -3.30 20.21 -19.21
C ASN B 62 -1.95 20.48 -18.52
N PRO B 63 -0.99 21.14 -19.18
CA PRO B 63 0.32 21.37 -18.55
C PRO B 63 0.32 22.33 -17.36
N GLU B 64 -0.77 23.09 -17.15
CA GLU B 64 -0.89 24.07 -16.06
C GLU B 64 -1.22 23.40 -14.71
N VAL B 65 -2.04 22.33 -14.74
CA VAL B 65 -2.44 21.62 -13.53
C VAL B 65 -2.27 20.12 -13.84
N PHE B 66 -1.26 19.49 -13.25
CA PHE B 66 -0.93 18.09 -13.55
C PHE B 66 -1.83 17.13 -12.81
N ASN B 67 -2.58 16.30 -13.56
CA ASN B 67 -3.46 15.29 -12.98
C ASN B 67 -2.95 13.96 -13.52
N TYR B 68 -2.28 13.17 -12.67
CA TYR B 68 -1.67 11.92 -13.10
C TYR B 68 -2.61 10.98 -13.84
N GLY B 69 -3.81 10.75 -13.29
CA GLY B 69 -4.77 9.85 -13.91
C GLY B 69 -5.19 10.32 -15.30
N VAL B 70 -5.50 11.62 -15.41
CA VAL B 70 -5.92 12.17 -16.72
C VAL B 70 -4.79 12.04 -17.74
N GLU B 71 -3.58 12.45 -17.32
CA GLU B 71 -2.43 12.47 -18.24
C GLU B 71 -2.01 11.07 -18.66
N THR B 72 -2.03 10.09 -17.74
CA THR B 72 -1.63 8.71 -18.12
C THR B 72 -2.69 8.07 -18.99
N HIS B 73 -3.96 8.39 -18.75
CA HIS B 73 -5.04 7.83 -19.58
C HIS B 73 -4.85 8.31 -21.04
N GLU B 74 -4.62 9.62 -21.20
CA GLU B 74 -4.38 10.21 -22.52
C GLU B 74 -3.08 9.65 -23.14
N ALA B 75 -2.00 9.55 -22.34
CA ALA B 75 -0.73 9.01 -22.84
C ALA B 75 -0.86 7.57 -23.27
N TYR B 76 -1.67 6.76 -22.55
CA TYR B 76 -1.86 5.37 -22.96
C TYR B 76 -2.47 5.34 -24.37
N LYS B 77 -3.57 6.10 -24.56
CA LYS B 77 -4.30 6.16 -25.84
C LYS B 77 -3.40 6.66 -26.97
N GLN B 78 -2.50 7.60 -26.66
CA GLN B 78 -1.61 8.20 -27.66
C GLN B 78 -0.31 7.45 -27.85
N ARG B 79 -0.03 6.45 -27.01
CA ARG B 79 1.21 5.67 -27.03
C ARG B 79 2.39 6.60 -26.67
N SER B 80 2.21 7.38 -25.60
CA SER B 80 3.25 8.31 -25.17
C SER B 80 3.60 8.05 -23.72
N LEU B 81 3.33 6.83 -23.24
CA LEU B 81 3.72 6.52 -21.86
C LEU B 81 5.19 6.13 -21.82
N ALA B 82 5.81 6.23 -20.64
CA ALA B 82 7.19 5.75 -20.48
C ALA B 82 7.28 4.24 -20.81
N SER B 83 8.39 3.83 -21.46
CA SER B 83 8.56 2.46 -21.89
C SER B 83 8.58 1.44 -20.75
N ASP B 84 9.01 1.83 -19.53
CA ASP B 84 9.00 0.85 -18.45
C ASP B 84 7.56 0.41 -18.13
N ILE B 85 6.59 1.33 -18.26
CA ILE B 85 5.18 1.01 -18.02
C ILE B 85 4.68 0.12 -19.16
N THR B 86 4.89 0.54 -20.42
CA THR B 86 4.37 -0.28 -21.53
C THR B 86 5.02 -1.66 -21.57
N ASP B 87 6.30 -1.80 -21.14
CA ASP B 87 6.91 -3.14 -21.09
C ASP B 87 6.14 -4.03 -20.12
N GLU B 88 5.69 -3.47 -18.97
CA GLU B 88 4.93 -4.30 -18.04
C GLU B 88 3.54 -4.62 -18.58
N GLN B 89 2.92 -3.62 -19.25
CA GLN B 89 1.59 -3.82 -19.79
C GLN B 89 1.58 -4.93 -20.83
N LYS B 90 2.66 -5.03 -21.65
CA LYS B 90 2.74 -6.13 -22.63
C LYS B 90 2.78 -7.48 -21.91
N LYS B 91 3.54 -7.56 -20.80
CA LYS B 91 3.60 -8.83 -20.07
C LYS B 91 2.21 -9.22 -19.50
N VAL B 92 1.50 -8.22 -18.95
CA VAL B 92 0.17 -8.48 -18.40
C VAL B 92 -0.83 -8.88 -19.52
N ARG B 93 -0.78 -8.14 -20.64
CA ARG B 93 -1.68 -8.42 -21.77
C ARG B 93 -1.53 -9.87 -22.25
N GLU B 94 -0.28 -10.35 -22.30
CA GLU B 94 -0.05 -11.71 -22.80
C GLU B 94 -0.35 -12.80 -21.78
N ALA B 95 -0.33 -12.45 -20.48
CA ALA B 95 -0.54 -13.45 -19.44
C ALA B 95 -1.97 -13.94 -19.31
N ASP B 96 -2.12 -15.25 -19.01
CA ASP B 96 -3.41 -15.84 -18.64
C ASP B 96 -3.55 -15.73 -17.11
N LEU B 97 -2.41 -15.77 -16.37
CA LEU B 97 -2.40 -15.72 -14.91
C LEU B 97 -1.28 -14.79 -14.48
N VAL B 98 -1.57 -13.91 -13.50
CA VAL B 98 -0.55 -13.02 -12.91
C VAL B 98 -0.47 -13.42 -11.45
N ILE B 99 0.71 -13.88 -11.03
CA ILE B 99 0.97 -14.22 -9.64
C ILE B 99 1.78 -13.06 -9.09
N PHE B 100 1.40 -12.56 -7.88
CA PHE B 100 2.19 -11.55 -7.19
C PHE B 100 2.86 -12.25 -6.03
N GLN B 101 4.20 -12.21 -5.96
CA GLN B 101 4.91 -12.91 -4.86
C GLN B 101 5.59 -11.81 -4.02
N PHE B 102 5.20 -11.71 -2.75
CA PHE B 102 5.77 -10.63 -1.94
C PHE B 102 5.59 -10.89 -0.47
N PRO B 103 6.50 -10.26 0.32
CA PRO B 103 6.30 -10.22 1.77
C PRO B 103 5.27 -9.13 2.13
N LEU B 104 4.41 -9.41 3.10
CA LEU B 104 3.45 -8.40 3.54
C LEU B 104 4.22 -7.26 4.22
N TYR B 105 3.97 -6.03 3.78
CA TYR B 105 4.56 -4.83 4.38
C TYR B 105 3.38 -3.94 4.79
N TRP B 106 3.21 -3.73 6.08
CA TRP B 106 2.13 -2.91 6.58
C TRP B 106 0.75 -3.32 6.03
N PHE B 107 0.46 -4.63 6.18
CA PHE B 107 -0.85 -5.19 5.76
C PHE B 107 -1.10 -4.98 4.27
N SER B 108 -0.03 -4.81 3.50
CA SER B 108 -0.18 -4.51 2.06
C SER B 108 1.07 -4.95 1.31
N VAL B 109 1.20 -4.48 0.07
CA VAL B 109 2.35 -4.82 -0.73
C VAL B 109 3.50 -3.86 -0.40
N PRO B 110 4.77 -4.32 -0.57
CA PRO B 110 5.88 -3.37 -0.50
C PRO B 110 5.67 -2.22 -1.48
N ALA B 111 6.16 -1.01 -1.14
CA ALA B 111 5.97 0.14 -2.02
C ALA B 111 6.42 -0.07 -3.46
N ILE B 112 7.51 -0.83 -3.70
CA ILE B 112 7.95 -1.01 -5.09
C ILE B 112 6.84 -1.71 -5.90
N LEU B 113 6.12 -2.65 -5.27
CA LEU B 113 5.03 -3.37 -5.94
C LEU B 113 3.76 -2.49 -5.97
N LYS B 114 3.54 -1.66 -4.91
CA LYS B 114 2.41 -0.73 -4.99
C LYS B 114 2.63 0.19 -6.21
N GLY B 115 3.87 0.60 -6.46
CA GLY B 115 4.17 1.47 -7.61
C GLY B 115 3.89 0.79 -8.94
N TRP B 116 4.20 -0.50 -9.01
CA TRP B 116 3.84 -1.28 -10.21
C TRP B 116 2.29 -1.22 -10.40
N MET B 117 1.50 -1.43 -9.34
N MET B 117 1.52 -1.44 -9.32
CA MET B 117 0.05 -1.36 -9.52
CA MET B 117 0.07 -1.35 -9.44
C MET B 117 -0.39 0.07 -9.90
C MET B 117 -0.31 0.05 -9.94
N ASP B 118 0.18 1.08 -9.25
CA ASP B 118 -0.22 2.46 -9.59
C ASP B 118 0.07 2.88 -11.01
N ARG B 119 1.26 2.48 -11.52
CA ARG B 119 1.73 2.95 -12.80
C ARG B 119 1.35 2.05 -13.95
N VAL B 120 1.30 0.72 -13.72
CA VAL B 120 1.02 -0.19 -14.85
C VAL B 120 -0.48 -0.28 -15.15
N LEU B 121 -1.32 -0.31 -14.10
CA LEU B 121 -2.75 -0.51 -14.28
C LEU B 121 -3.44 0.81 -14.54
N CYS B 122 -3.08 1.46 -15.62
CA CYS B 122 -3.64 2.77 -15.90
C CYS B 122 -5.01 2.72 -16.59
N GLN B 123 -5.74 3.86 -16.55
CA GLN B 123 -7.01 3.94 -17.22
C GLN B 123 -6.77 3.78 -18.73
N GLY B 124 -7.65 3.07 -19.40
CA GLY B 124 -7.54 2.77 -20.80
C GLY B 124 -6.89 1.41 -21.04
N PHE B 125 -5.96 0.99 -20.12
CA PHE B 125 -5.32 -0.30 -20.23
C PHE B 125 -6.04 -1.34 -19.36
N ALA B 126 -6.13 -1.06 -18.05
CA ALA B 126 -6.67 -2.05 -17.11
C ALA B 126 -8.14 -1.85 -16.79
N PHE B 127 -8.60 -0.60 -16.91
CA PHE B 127 -10.00 -0.29 -16.66
C PHE B 127 -10.37 0.95 -17.47
N ASP B 128 -11.67 1.22 -17.56
CA ASP B 128 -12.18 2.44 -18.16
C ASP B 128 -13.33 2.87 -17.23
N ILE B 129 -13.75 4.15 -17.30
CA ILE B 129 -14.90 4.61 -16.50
C ILE B 129 -15.97 4.97 -17.54
N PRO B 130 -16.95 4.07 -17.85
CA PRO B 130 -17.21 2.73 -17.28
C PRO B 130 -16.34 1.64 -17.90
N GLY B 131 -16.29 0.48 -17.24
CA GLY B 131 -15.45 -0.62 -17.67
C GLY B 131 -14.57 -1.06 -16.51
N PHE B 132 -15.23 -1.42 -15.42
CA PHE B 132 -14.54 -1.87 -14.21
C PHE B 132 -15.33 -2.97 -13.52
N TYR B 133 -14.69 -3.59 -12.53
CA TYR B 133 -15.18 -4.78 -11.83
C TYR B 133 -15.46 -5.88 -12.87
N ASP B 134 -16.68 -6.41 -12.98
CA ASP B 134 -16.95 -7.45 -13.97
C ASP B 134 -16.76 -6.98 -15.42
N SER B 135 -16.75 -5.64 -15.66
N SER B 135 -16.75 -5.65 -15.67
CA SER B 135 -16.53 -5.04 -16.98
CA SER B 135 -16.51 -5.10 -17.01
C SER B 135 -15.09 -4.50 -17.15
C SER B 135 -15.08 -4.53 -17.16
N GLY B 136 -14.19 -4.85 -16.21
CA GLY B 136 -12.78 -4.44 -16.26
C GLY B 136 -12.10 -4.90 -17.53
N LEU B 137 -11.05 -4.19 -17.96
CA LEU B 137 -10.44 -4.50 -19.26
C LEU B 137 -9.56 -5.73 -19.27
N LEU B 138 -9.20 -6.23 -18.08
CA LEU B 138 -8.38 -7.43 -17.94
C LEU B 138 -9.27 -8.67 -17.68
N GLN B 139 -10.57 -8.57 -18.03
CA GLN B 139 -11.50 -9.71 -17.94
C GLN B 139 -10.94 -10.90 -18.72
N GLY B 140 -11.13 -12.09 -18.17
CA GLY B 140 -10.63 -13.32 -18.76
C GLY B 140 -9.31 -13.76 -18.16
N LYS B 141 -8.65 -12.85 -17.41
CA LYS B 141 -7.36 -13.16 -16.77
C LYS B 141 -7.55 -13.55 -15.34
N LEU B 142 -6.59 -14.33 -14.83
CA LEU B 142 -6.60 -14.75 -13.43
C LEU B 142 -5.48 -14.05 -12.69
N ALA B 143 -5.69 -13.78 -11.41
CA ALA B 143 -4.65 -13.20 -10.56
C ALA B 143 -4.60 -13.99 -9.26
N LEU B 144 -3.43 -14.01 -8.63
CA LEU B 144 -3.25 -14.76 -7.39
C LEU B 144 -2.21 -14.04 -6.55
N LEU B 145 -2.52 -13.80 -5.27
CA LEU B 145 -1.57 -13.20 -4.35
C LEU B 145 -0.87 -14.30 -3.56
N SER B 146 0.46 -14.37 -3.62
CA SER B 146 1.22 -15.33 -2.82
C SER B 146 2.03 -14.45 -1.85
N VAL B 147 1.58 -14.43 -0.59
CA VAL B 147 2.07 -13.52 0.44
C VAL B 147 2.80 -14.30 1.52
N THR B 148 3.82 -13.67 2.11
CA THR B 148 4.50 -14.23 3.29
C THR B 148 4.33 -13.18 4.42
N THR B 149 4.31 -13.62 5.69
CA THR B 149 4.09 -12.68 6.79
C THR B 149 5.09 -12.83 7.90
N GLY B 150 5.16 -11.80 8.75
CA GLY B 150 5.90 -11.91 10.00
C GLY B 150 5.00 -12.53 11.06
N GLY B 151 3.73 -12.09 11.10
CA GLY B 151 2.70 -12.57 12.03
C GLY B 151 2.29 -14.02 11.82
N THR B 152 1.91 -14.73 12.89
CA THR B 152 1.49 -16.11 12.78
C THR B 152 0.05 -16.22 12.25
N ALA B 153 -0.37 -17.43 11.82
CA ALA B 153 -1.74 -17.67 11.38
C ALA B 153 -2.74 -17.31 12.50
N GLU B 154 -2.41 -17.65 13.77
CA GLU B 154 -3.24 -17.38 14.96
C GLU B 154 -3.48 -15.87 15.12
N MET B 155 -2.44 -15.06 14.84
CA MET B 155 -2.55 -13.59 14.93
C MET B 155 -3.51 -13.07 13.88
N TYR B 156 -3.52 -13.74 12.72
CA TYR B 156 -4.38 -13.39 11.59
C TYR B 156 -5.72 -14.15 11.60
N THR B 157 -6.45 -14.07 12.72
CA THR B 157 -7.78 -14.68 12.86
C THR B 157 -8.75 -13.60 13.32
N LYS B 158 -10.07 -13.84 13.15
CA LYS B 158 -11.14 -12.92 13.51
C LYS B 158 -10.94 -12.36 14.93
N THR B 159 -10.53 -13.22 15.88
CA THR B 159 -10.31 -12.86 17.29
C THR B 159 -8.83 -12.62 17.62
N GLY B 160 -7.96 -12.73 16.61
CA GLY B 160 -6.54 -12.47 16.73
C GLY B 160 -6.27 -10.98 16.70
N VAL B 161 -5.10 -10.56 17.17
CA VAL B 161 -4.75 -9.14 17.25
C VAL B 161 -4.70 -8.45 15.89
N ASN B 162 -4.42 -9.20 14.82
CA ASN B 162 -4.36 -8.59 13.50
C ASN B 162 -5.66 -8.69 12.72
N GLY B 163 -6.64 -9.44 13.27
CA GLY B 163 -7.88 -9.65 12.54
C GLY B 163 -7.66 -10.74 11.49
N ASP B 164 -8.74 -11.21 10.87
CA ASP B 164 -8.59 -12.22 9.85
C ASP B 164 -7.71 -11.77 8.68
N SER B 165 -6.92 -12.70 8.10
CA SER B 165 -6.05 -12.35 6.97
C SER B 165 -6.85 -11.84 5.78
N ARG B 166 -8.13 -12.30 5.62
CA ARG B 166 -8.92 -11.81 4.48
C ARG B 166 -9.18 -10.32 4.58
N TYR B 167 -9.18 -9.74 5.82
CA TYR B 167 -9.46 -8.32 5.94
C TYR B 167 -8.45 -7.48 5.18
N PHE B 168 -7.16 -7.83 5.23
CA PHE B 168 -6.14 -6.99 4.56
C PHE B 168 -6.11 -7.25 3.05
N LEU B 169 -6.74 -8.35 2.59
CA LEU B 169 -6.72 -8.64 1.16
C LEU B 169 -7.65 -7.75 0.35
N TRP B 170 -8.63 -7.12 1.00
CA TRP B 170 -9.66 -6.34 0.32
C TRP B 170 -9.12 -5.28 -0.66
N PRO B 171 -8.16 -4.39 -0.28
CA PRO B 171 -7.71 -3.39 -1.24
C PRO B 171 -7.04 -3.98 -2.47
N LEU B 172 -6.35 -5.11 -2.28
CA LEU B 172 -5.60 -5.75 -3.34
C LEU B 172 -6.49 -6.61 -4.21
N GLN B 173 -7.20 -7.55 -3.60
CA GLN B 173 -8.05 -8.45 -4.39
C GLN B 173 -9.24 -7.73 -4.99
N HIS B 174 -9.95 -6.93 -4.18
CA HIS B 174 -11.15 -6.28 -4.67
C HIS B 174 -10.90 -4.94 -5.30
N GLY B 175 -10.26 -4.04 -4.54
CA GLY B 175 -10.10 -2.66 -4.99
C GLY B 175 -9.19 -2.54 -6.20
N THR B 176 -8.27 -3.53 -6.40
CA THR B 176 -7.32 -3.44 -7.51
C THR B 176 -7.59 -4.52 -8.55
N LEU B 177 -7.41 -5.79 -8.17
CA LEU B 177 -7.51 -6.86 -9.17
C LEU B 177 -8.93 -7.06 -9.72
N HIS B 178 -9.94 -7.22 -8.86
CA HIS B 178 -11.31 -7.38 -9.34
C HIS B 178 -11.72 -6.11 -10.09
N PHE B 179 -11.31 -4.92 -9.59
CA PHE B 179 -11.66 -3.69 -10.27
C PHE B 179 -11.20 -3.71 -11.73
N CYS B 180 -10.00 -4.25 -12.00
CA CYS B 180 -9.50 -4.34 -13.37
C CYS B 180 -10.06 -5.50 -14.17
N GLY B 181 -10.98 -6.28 -13.60
CA GLY B 181 -11.59 -7.38 -14.34
C GLY B 181 -11.01 -8.76 -14.10
N PHE B 182 -9.91 -8.85 -13.32
CA PHE B 182 -9.37 -10.17 -13.02
C PHE B 182 -10.36 -11.01 -12.22
N LYS B 183 -10.27 -12.32 -12.43
CA LYS B 183 -10.91 -13.29 -11.56
C LYS B 183 -9.77 -13.63 -10.61
N VAL B 184 -10.08 -13.71 -9.31
CA VAL B 184 -9.04 -13.85 -8.28
C VAL B 184 -9.02 -15.27 -7.75
N LEU B 185 -7.88 -15.95 -7.87
CA LEU B 185 -7.74 -17.27 -7.26
C LEU B 185 -7.47 -17.10 -5.77
N ALA B 186 -7.78 -18.14 -4.98
CA ALA B 186 -7.57 -18.06 -3.54
C ALA B 186 -6.14 -17.70 -3.21
N PRO B 187 -5.92 -16.80 -2.22
CA PRO B 187 -4.55 -16.40 -1.92
C PRO B 187 -3.72 -17.55 -1.36
N GLN B 188 -2.40 -17.46 -1.58
CA GLN B 188 -1.47 -18.40 -0.95
C GLN B 188 -0.83 -17.60 0.14
N ILE B 189 -1.07 -17.95 1.44
CA ILE B 189 -0.43 -17.21 2.53
C ILE B 189 0.50 -18.14 3.27
N SER B 190 1.79 -17.78 3.26
CA SER B 190 2.82 -18.56 3.93
C SER B 190 3.13 -17.78 5.21
N PHE B 191 2.53 -18.23 6.31
CA PHE B 191 2.66 -17.51 7.57
C PHE B 191 3.97 -17.71 8.30
N ALA B 192 4.53 -16.57 8.79
CA ALA B 192 5.70 -16.55 9.69
C ALA B 192 6.83 -17.53 9.35
N PRO B 193 7.42 -17.51 8.12
CA PRO B 193 8.54 -18.43 7.84
C PRO B 193 9.78 -18.20 8.72
N GLU B 194 9.99 -16.95 9.22
CA GLU B 194 11.14 -16.64 10.08
C GLU B 194 11.11 -17.41 11.40
N ILE B 195 9.90 -17.60 11.97
CA ILE B 195 9.68 -18.34 13.24
C ILE B 195 9.70 -19.86 12.99
N ALA B 196 9.22 -20.27 11.81
CA ALA B 196 9.08 -21.68 11.43
C ALA B 196 10.36 -22.47 11.50
N SER B 197 10.24 -23.78 11.79
CA SER B 197 11.36 -24.70 11.81
C SER B 197 11.77 -24.95 10.34
N GLU B 198 12.94 -25.57 10.13
CA GLU B 198 13.45 -25.90 8.79
C GLU B 198 12.44 -26.78 8.04
N GLU B 199 11.86 -27.80 8.73
CA GLU B 199 10.88 -28.70 8.13
C GLU B 199 9.58 -27.97 7.77
N GLU B 200 9.10 -27.08 8.67
CA GLU B 200 7.87 -26.29 8.47
C GLU B 200 8.01 -25.38 7.25
N ARG B 201 9.19 -24.72 7.09
CA ARG B 201 9.48 -23.85 5.94
C ARG B 201 9.48 -24.69 4.65
N LYS B 202 10.18 -25.85 4.67
CA LYS B 202 10.24 -26.78 3.54
C LYS B 202 8.83 -27.22 3.14
N GLY B 203 7.99 -27.43 4.16
CA GLY B 203 6.60 -27.84 4.02
C GLY B 203 5.77 -26.76 3.33
N MET B 204 6.04 -25.49 3.67
CA MET B 204 5.29 -24.40 3.04
C MET B 204 5.67 -24.24 1.57
N VAL B 205 6.96 -24.42 1.22
CA VAL B 205 7.46 -24.32 -0.16
C VAL B 205 6.82 -25.48 -0.97
N ALA B 206 6.83 -26.69 -0.40
CA ALA B 206 6.23 -27.85 -1.09
C ALA B 206 4.72 -27.74 -1.27
N ALA B 207 4.00 -27.13 -0.27
CA ALA B 207 2.54 -26.93 -0.38
C ALA B 207 2.23 -26.00 -1.58
N TRP B 208 3.07 -24.96 -1.78
CA TRP B 208 2.92 -24.07 -2.93
C TRP B 208 3.20 -24.78 -4.23
N SER B 209 4.33 -25.53 -4.33
CA SER B 209 4.64 -26.29 -5.54
C SER B 209 3.50 -27.28 -5.86
N GLN B 210 3.01 -27.99 -4.82
CA GLN B 210 1.91 -28.96 -5.00
C GLN B 210 0.62 -28.30 -5.47
N ARG B 211 0.29 -27.13 -4.89
CA ARG B 211 -0.91 -26.42 -5.33
C ARG B 211 -0.77 -26.04 -6.81
N LEU B 212 0.40 -25.55 -7.22
CA LEU B 212 0.61 -25.14 -8.61
C LEU B 212 0.43 -26.27 -9.61
N GLN B 213 0.62 -27.53 -9.17
CA GLN B 213 0.40 -28.66 -10.08
C GLN B 213 -1.03 -28.66 -10.65
N THR B 214 -2.03 -28.23 -9.83
CA THR B 214 -3.42 -28.25 -10.26
C THR B 214 -4.03 -26.85 -10.34
N ILE B 215 -3.21 -25.80 -10.49
CA ILE B 215 -3.73 -24.43 -10.49
C ILE B 215 -4.75 -24.16 -11.63
N TRP B 216 -4.59 -24.82 -12.77
CA TRP B 216 -5.46 -24.58 -13.92
C TRP B 216 -6.85 -25.20 -13.75
N LYS B 217 -7.03 -26.01 -12.69
CA LYS B 217 -8.32 -26.62 -12.42
C LYS B 217 -9.10 -25.83 -11.37
N GLU B 218 -8.47 -24.81 -10.78
CA GLU B 218 -9.11 -24.06 -9.71
C GLU B 218 -10.15 -23.12 -10.24
N GLU B 219 -11.12 -22.82 -9.39
CA GLU B 219 -12.14 -21.83 -9.66
C GLU B 219 -11.75 -20.58 -8.87
N PRO B 220 -12.11 -19.38 -9.35
CA PRO B 220 -11.79 -18.17 -8.56
C PRO B 220 -12.71 -18.03 -7.36
N ILE B 221 -12.29 -17.20 -6.41
CA ILE B 221 -13.13 -16.95 -5.25
C ILE B 221 -14.26 -16.00 -5.68
N PRO B 222 -15.34 -15.91 -4.87
CA PRO B 222 -16.34 -14.85 -5.09
C PRO B 222 -15.74 -13.61 -4.40
N CYS B 223 -15.19 -12.68 -5.19
CA CYS B 223 -14.47 -11.53 -4.64
C CYS B 223 -15.44 -10.44 -4.19
N THR B 224 -16.11 -10.73 -3.07
CA THR B 224 -17.16 -9.90 -2.51
C THR B 224 -16.84 -9.48 -1.09
N ALA B 225 -17.59 -8.49 -0.56
CA ALA B 225 -17.42 -8.08 0.83
C ALA B 225 -17.75 -9.29 1.74
N HIS B 226 -18.74 -10.12 1.39
CA HIS B 226 -19.06 -11.25 2.26
C HIS B 226 -17.89 -12.23 2.35
N TRP B 227 -17.20 -12.51 1.23
CA TRP B 227 -16.07 -13.42 1.29
C TRP B 227 -14.98 -12.85 2.21
N HIS B 228 -14.72 -11.55 2.12
CA HIS B 228 -13.65 -10.94 2.92
C HIS B 228 -14.01 -10.72 4.37
N PHE B 229 -15.26 -10.33 4.65
CA PHE B 229 -15.60 -9.89 6.01
C PHE B 229 -16.67 -10.70 6.72
N GLY B 230 -17.37 -11.56 6.02
CA GLY B 230 -18.43 -12.37 6.66
C GLY B 230 -19.73 -11.63 6.89
N GLN B 231 -20.59 -12.23 7.77
CA GLN B 231 -21.92 -11.85 8.27
C GLN B 231 -23.08 -12.57 7.52
#